data_2IN3
#
_entry.id   2IN3
#
_cell.length_a   48.844
_cell.length_b   59.642
_cell.length_c   84.450
_cell.angle_alpha   90.00
_cell.angle_beta   90.00
_cell.angle_gamma   90.00
#
_symmetry.space_group_name_H-M   'P 21 21 21'
#
loop_
_entity.id
_entity.type
_entity.pdbx_description
1 polymer 'Hypothetical protein'
2 non-polymer 'PHOSPHATE ION'
3 non-polymer 1,2-ETHANEDIOL
4 non-polymer GLYCEROL
5 water water
#
_entity_poly.entity_id   1
_entity_poly.type   'polypeptide(L)'
_entity_poly.pdbx_seq_one_letter_code
;GH(MSE)A(MSE)EKPVLWYIADP(MSE)CSWCWGFAPVIENIRQEYSAFLTVKI(MSE)PGGLRPGTNTPLLPEKRAQI
LHHWHSVHITTGQPFTFENALPEGFIYDTEPACRGVVSVSLIEPEKVFPFFAAIQRAFYVGQEDVAQLAILKKLAVDLGI
PESRFTPVFQSDEAKQRTLAGFQRVAQWGISGFPALVVESGTDRYLITTGYRPIEALRQLLDTWLQQHGVGS
;
_entity_poly.pdbx_strand_id   A
#
# COMPACT_ATOMS: atom_id res chain seq x y z
N GLU A 6 5.31 -25.01 -1.73
CA GLU A 6 5.19 -23.66 -1.08
C GLU A 6 5.84 -22.54 -1.90
N LYS A 7 5.01 -21.63 -2.41
CA LYS A 7 5.49 -20.53 -3.21
C LYS A 7 6.20 -19.50 -2.35
N PRO A 8 7.25 -18.87 -2.91
CA PRO A 8 7.85 -17.72 -2.28
C PRO A 8 6.81 -16.62 -2.16
N VAL A 9 7.00 -15.72 -1.20
CA VAL A 9 6.07 -14.63 -0.99
C VAL A 9 6.75 -13.37 -1.46
N LEU A 10 6.01 -12.58 -2.21
CA LEU A 10 6.49 -11.27 -2.66
C LEU A 10 5.68 -10.27 -1.82
N TRP A 11 6.39 -9.67 -0.87
CA TRP A 11 5.80 -8.63 -0.03
C TRP A 11 5.81 -7.25 -0.71
N TYR A 12 4.63 -6.68 -0.83
CA TYR A 12 4.49 -5.29 -1.27
C TYR A 12 4.40 -4.41 -0.03
N ILE A 13 5.45 -3.61 0.20
CA ILE A 13 5.56 -2.84 1.42
C ILE A 13 5.21 -1.42 1.03
N ALA A 14 4.05 -0.99 1.51
CA ALA A 14 3.41 0.23 0.99
C ALA A 14 2.41 0.79 1.98
N ASP A 15 2.11 2.06 1.79
CA ASP A 15 1.13 2.76 2.59
C ASP A 15 0.16 3.44 1.63
N PRO A 16 -1.16 3.29 1.86
CA PRO A 16 -2.20 3.92 1.01
C PRO A 16 -2.04 5.45 0.88
N CYS A 18 0.89 7.06 0.65
CA CYS A 18 2.16 7.31 -0.01
C CYS A 18 1.90 7.51 -1.52
N SER A 19 2.27 8.67 -2.07
CA SER A 19 1.87 9.04 -3.43
C SER A 19 2.56 8.19 -4.47
N TRP A 20 3.84 7.89 -4.29
CA TRP A 20 4.54 7.00 -5.22
C TRP A 20 4.00 5.58 -5.21
N CYS A 21 3.39 5.17 -4.08
CA CYS A 21 2.66 3.91 -4.01
C CYS A 21 1.45 3.95 -4.94
N TRP A 22 0.71 5.07 -4.93
CA TRP A 22 -0.36 5.24 -5.92
C TRP A 22 0.21 5.29 -7.36
N GLY A 23 1.35 5.95 -7.56
CA GLY A 23 2.00 5.91 -8.89
C GLY A 23 2.27 4.48 -9.35
N PHE A 24 2.59 3.62 -8.38
CA PHE A 24 3.05 2.26 -8.62
C PHE A 24 1.88 1.28 -8.68
N ALA A 25 0.68 1.73 -8.34
CA ALA A 25 -0.48 0.79 -8.32
C ALA A 25 -0.66 -0.01 -9.65
N PRO A 26 -0.56 0.66 -10.83
CA PRO A 26 -0.64 -0.13 -12.07
C PRO A 26 0.49 -1.16 -12.24
N VAL A 27 1.66 -0.90 -11.68
CA VAL A 27 2.83 -1.77 -11.86
C VAL A 27 2.63 -3.02 -10.99
N ILE A 28 2.29 -2.82 -9.72
CA ILE A 28 2.04 -3.99 -8.87
C ILE A 28 0.81 -4.81 -9.31
N GLU A 29 -0.21 -4.15 -9.90
CA GLU A 29 -1.35 -4.87 -10.51
C GLU A 29 -0.84 -5.83 -11.63
N ASN A 30 -0.01 -5.31 -12.51
CA ASN A 30 0.54 -6.13 -13.59
C ASN A 30 1.38 -7.28 -13.08
N ILE A 31 2.23 -6.98 -12.08
CA ILE A 31 3.06 -8.02 -11.45
C ILE A 31 2.18 -9.14 -10.86
N ARG A 32 1.19 -8.77 -10.07
CA ARG A 32 0.18 -9.73 -9.57
C ARG A 32 -0.48 -10.51 -10.68
N GLN A 33 -0.82 -9.84 -11.77
CA GLN A 33 -1.50 -10.55 -12.84
C GLN A 33 -0.54 -11.56 -13.49
N GLU A 34 0.74 -11.20 -13.63
CA GLU A 34 1.68 -11.99 -14.40
CA GLU A 34 1.70 -12.00 -14.42
C GLU A 34 2.38 -13.10 -13.58
N TYR A 35 2.68 -12.80 -12.32
CA TYR A 35 3.52 -13.69 -11.51
C TYR A 35 2.81 -14.54 -10.45
N SER A 36 1.48 -14.45 -10.36
N SER A 36 1.48 -14.44 -10.38
CA SER A 36 0.76 -15.07 -9.23
CA SER A 36 0.71 -15.06 -9.29
C SER A 36 0.74 -16.60 -9.23
C SER A 36 0.93 -16.56 -9.18
N ALA A 37 1.15 -17.22 -10.33
CA ALA A 37 1.33 -18.66 -10.35
C ALA A 37 2.66 -19.07 -9.70
N PHE A 38 3.56 -18.11 -9.50
CA PHE A 38 4.93 -18.39 -9.09
C PHE A 38 5.33 -17.71 -7.78
N LEU A 39 4.64 -16.63 -7.44
CA LEU A 39 4.89 -15.87 -6.21
C LEU A 39 3.55 -15.56 -5.53
N THR A 40 3.47 -15.67 -4.22
CA THR A 40 2.24 -15.21 -3.53
C THR A 40 2.45 -13.76 -3.15
N VAL A 41 1.65 -12.88 -3.72
CA VAL A 41 1.90 -11.43 -3.59
C VAL A 41 1.01 -10.91 -2.46
N LYS A 42 1.63 -10.32 -1.44
CA LYS A 42 0.90 -9.92 -0.22
C LYS A 42 1.29 -8.50 0.18
N ILE A 43 0.44 -7.80 0.94
CA ILE A 43 0.77 -6.41 1.34
C ILE A 43 1.21 -6.44 2.80
N PRO A 45 1.58 -3.37 5.13
CA PRO A 45 1.46 -1.92 5.28
C PRO A 45 2.63 -1.32 6.12
N GLY A 46 3.29 -0.29 5.58
CA GLY A 46 4.42 0.38 6.27
C GLY A 46 4.96 1.51 5.37
N GLY A 51 1.95 7.34 11.78
CA GLY A 51 1.05 7.72 12.87
C GLY A 51 1.27 9.13 13.42
N THR A 52 0.25 10.00 13.33
CA THR A 52 0.32 11.37 13.88
C THR A 52 -1.02 12.05 14.28
N ASN A 53 -0.92 13.09 15.10
CA ASN A 53 -2.08 13.88 15.51
C ASN A 53 -1.89 15.38 15.57
N THR A 54 -0.95 15.89 14.78
CA THR A 54 -0.74 17.33 14.68
C THR A 54 -0.99 17.76 13.23
N PRO A 55 -1.55 18.97 13.03
CA PRO A 55 -1.78 19.44 11.67
C PRO A 55 -0.53 19.42 10.79
N LEU A 56 -0.76 19.17 9.51
CA LEU A 56 0.27 19.20 8.49
C LEU A 56 0.82 20.63 8.36
N LEU A 57 2.14 20.79 8.43
CA LEU A 57 2.78 22.11 8.28
C LEU A 57 2.90 22.53 6.79
N PRO A 58 2.84 23.84 6.50
CA PRO A 58 2.82 24.34 5.11
C PRO A 58 3.97 23.86 4.24
N GLU A 59 5.20 23.88 4.77
CA GLU A 59 6.40 23.43 4.04
C GLU A 59 6.31 21.96 3.69
N LYS A 60 5.85 21.17 4.65
CA LYS A 60 5.67 19.74 4.46
C LYS A 60 4.55 19.48 3.45
N ARG A 61 3.47 20.24 3.55
CA ARG A 61 2.37 20.10 2.57
C ARG A 61 2.88 20.39 1.13
N ALA A 62 3.68 21.42 0.97
CA ALA A 62 4.22 21.75 -0.37
C ALA A 62 5.14 20.63 -0.90
N GLN A 63 5.92 20.01 -0.02
CA GLN A 63 6.75 18.88 -0.43
C GLN A 63 5.88 17.76 -0.93
N ILE A 64 4.82 17.46 -0.20
CA ILE A 64 3.94 16.34 -0.56
C ILE A 64 3.27 16.63 -1.92
N LEU A 65 2.78 17.84 -2.10
CA LEU A 65 2.13 18.20 -3.35
C LEU A 65 3.10 18.13 -4.54
N HIS A 66 4.37 18.46 -4.33
CA HIS A 66 5.35 18.32 -5.40
C HIS A 66 5.45 16.83 -5.77
N HIS A 67 5.44 15.94 -4.77
CA HIS A 67 5.45 14.50 -5.04
C HIS A 67 4.22 14.10 -5.87
N TRP A 68 3.04 14.61 -5.52
CA TRP A 68 1.82 14.29 -6.27
C TRP A 68 1.95 14.72 -7.73
N HIS A 69 2.35 15.95 -7.97
CA HIS A 69 2.61 16.39 -9.34
C HIS A 69 3.62 15.46 -10.07
N SER A 70 4.75 15.12 -9.43
CA SER A 70 5.73 14.19 -10.04
C SER A 70 5.12 12.88 -10.40
N VAL A 71 4.34 12.31 -9.46
CA VAL A 71 3.67 11.02 -9.68
C VAL A 71 2.69 11.14 -10.87
N HIS A 72 1.90 12.20 -10.85
CA HIS A 72 0.91 12.39 -11.90
C HIS A 72 1.55 12.47 -13.29
N ILE A 73 2.57 13.31 -13.44
CA ILE A 73 3.13 13.48 -14.79
C ILE A 73 3.97 12.29 -15.23
N THR A 74 4.54 11.55 -14.28
CA THR A 74 5.37 10.38 -14.57
C THR A 74 4.55 9.13 -14.91
N THR A 75 3.45 8.96 -14.20
CA THR A 75 2.67 7.72 -14.25
C THR A 75 1.26 7.90 -14.82
N GLY A 76 0.77 9.14 -14.85
CA GLY A 76 -0.60 9.35 -15.26
C GLY A 76 -1.66 9.06 -14.20
N GLN A 77 -1.27 8.63 -13.00
CA GLN A 77 -2.24 8.34 -11.94
C GLN A 77 -2.90 9.65 -11.50
N PRO A 78 -4.24 9.63 -11.29
CA PRO A 78 -4.96 10.89 -11.06
C PRO A 78 -4.81 11.44 -9.62
N PHE A 79 -4.85 12.76 -9.50
CA PHE A 79 -4.92 13.45 -8.20
C PHE A 79 -5.85 14.64 -8.38
N THR A 80 -6.62 14.97 -7.35
CA THR A 80 -7.42 16.20 -7.32
C THR A 80 -6.64 17.24 -6.56
N PHE A 81 -6.13 18.23 -7.29
CA PHE A 81 -5.22 19.19 -6.70
C PHE A 81 -5.99 20.34 -6.08
N GLU A 82 -7.16 20.64 -6.65
CA GLU A 82 -7.99 21.74 -6.16
C GLU A 82 -8.40 21.47 -4.71
N ASN A 83 -8.09 22.42 -3.82
CA ASN A 83 -8.29 22.28 -2.37
C ASN A 83 -7.68 21.05 -1.68
N ALA A 84 -6.65 20.47 -2.29
CA ALA A 84 -5.88 19.37 -1.71
C ALA A 84 -5.34 19.72 -0.32
N LEU A 85 -5.35 18.72 0.57
CA LEU A 85 -4.73 18.83 1.89
C LEU A 85 -5.01 20.18 2.57
N PRO A 86 -6.29 20.45 2.92
CA PRO A 86 -6.68 21.74 3.50
C PRO A 86 -6.01 21.92 4.86
N GLU A 87 -5.82 23.17 5.29
CA GLU A 87 -5.16 23.39 6.57
C GLU A 87 -6.03 22.83 7.69
N GLY A 88 -5.39 22.13 8.61
CA GLY A 88 -6.09 21.47 9.69
C GLY A 88 -6.08 19.98 9.45
N PHE A 89 -5.80 19.57 8.22
CA PHE A 89 -5.74 18.17 7.89
C PHE A 89 -4.63 17.50 8.67
N ILE A 90 -4.93 16.34 9.24
CA ILE A 90 -3.98 15.58 10.03
C ILE A 90 -3.58 14.34 9.22
N TYR A 91 -2.29 14.23 8.92
CA TYR A 91 -1.78 13.19 8.03
C TYR A 91 -1.47 11.87 8.81
N ASP A 92 -2.53 11.25 9.36
CA ASP A 92 -2.40 10.02 10.13
C ASP A 92 -2.58 8.79 9.25
N THR A 93 -1.48 8.09 8.97
CA THR A 93 -1.50 6.97 8.04
C THR A 93 -1.88 5.63 8.70
N GLU A 94 -1.95 5.57 10.03
CA GLU A 94 -2.17 4.29 10.69
C GLU A 94 -3.54 3.64 10.46
N PRO A 95 -4.66 4.41 10.59
CA PRO A 95 -5.94 3.75 10.38
C PRO A 95 -6.13 3.10 9.00
N ALA A 96 -5.65 3.74 7.92
CA ALA A 96 -5.80 3.15 6.61
C ALA A 96 -4.96 1.86 6.53
N CYS A 97 -3.74 1.90 7.06
CA CYS A 97 -2.92 0.66 7.15
C CYS A 97 -3.67 -0.45 7.90
N ARG A 98 -4.25 -0.11 9.07
CA ARG A 98 -5.05 -1.04 9.83
C ARG A 98 -6.29 -1.55 9.07
N GLY A 99 -6.84 -0.75 8.18
CA GLY A 99 -8.01 -1.21 7.39
C GLY A 99 -7.60 -2.32 6.46
N VAL A 100 -6.43 -2.12 5.85
CA VAL A 100 -5.86 -3.10 4.92
C VAL A 100 -5.58 -4.43 5.69
N VAL A 101 -4.95 -4.33 6.87
CA VAL A 101 -4.63 -5.49 7.72
C VAL A 101 -5.94 -6.23 8.04
N SER A 102 -6.98 -5.46 8.41
CA SER A 102 -8.29 -6.01 8.70
C SER A 102 -8.88 -6.85 7.56
N VAL A 103 -8.82 -6.32 6.33
CA VAL A 103 -9.35 -7.03 5.17
C VAL A 103 -8.52 -8.30 4.91
N SER A 104 -7.23 -8.25 5.19
CA SER A 104 -6.38 -9.45 5.08
C SER A 104 -6.86 -10.60 5.99
N LEU A 105 -7.47 -10.28 7.14
CA LEU A 105 -8.01 -11.26 8.09
C LEU A 105 -9.40 -11.75 7.66
N ILE A 106 -10.12 -10.89 6.96
CA ILE A 106 -11.48 -11.20 6.51
C ILE A 106 -11.52 -11.93 5.16
N GLU A 107 -10.94 -11.30 4.13
CA GLU A 107 -10.94 -11.85 2.78
C GLU A 107 -9.64 -11.46 2.08
N PRO A 108 -8.58 -12.31 2.22
CA PRO A 108 -7.26 -12.01 1.64
C PRO A 108 -7.30 -11.60 0.16
N GLU A 109 -8.25 -12.15 -0.61
CA GLU A 109 -8.38 -11.87 -2.04
C GLU A 109 -8.78 -10.41 -2.31
N LYS A 110 -9.28 -9.73 -1.27
CA LYS A 110 -9.75 -8.34 -1.40
C LYS A 110 -8.77 -7.30 -0.87
N VAL A 111 -7.60 -7.75 -0.42
CA VAL A 111 -6.57 -6.84 0.10
C VAL A 111 -6.05 -5.80 -0.93
N PHE A 112 -5.60 -6.25 -2.10
CA PHE A 112 -5.12 -5.27 -3.09
C PHE A 112 -6.22 -4.31 -3.61
N PRO A 113 -7.41 -4.84 -3.94
CA PRO A 113 -8.53 -3.93 -4.29
C PRO A 113 -8.87 -2.92 -3.17
N PHE A 114 -8.86 -3.34 -1.91
CA PHE A 114 -9.15 -2.40 -0.80
C PHE A 114 -8.08 -1.29 -0.65
N PHE A 115 -6.82 -1.68 -0.74
CA PHE A 115 -5.70 -0.74 -0.68
C PHE A 115 -5.90 0.32 -1.81
N ALA A 116 -6.17 -0.17 -3.01
CA ALA A 116 -6.34 0.75 -4.18
C ALA A 116 -7.56 1.65 -3.97
N ALA A 117 -8.65 1.09 -3.42
CA ALA A 117 -9.87 1.84 -3.15
C ALA A 117 -9.59 3.01 -2.19
N ILE A 118 -8.78 2.77 -1.16
CA ILE A 118 -8.36 3.81 -0.21
C ILE A 118 -7.55 4.91 -0.93
N GLN A 119 -6.61 4.51 -1.77
CA GLN A 119 -5.76 5.47 -2.47
C GLN A 119 -6.58 6.38 -3.39
N ARG A 120 -7.55 5.80 -4.07
CA ARG A 120 -8.37 6.58 -4.98
C ARG A 120 -9.26 7.54 -4.19
N ALA A 121 -9.80 7.05 -3.07
CA ALA A 121 -10.71 7.83 -2.26
C ALA A 121 -9.98 9.04 -1.68
N PHE A 122 -8.71 8.83 -1.33
CA PHE A 122 -7.88 9.87 -0.80
C PHE A 122 -7.38 10.85 -1.89
N TYR A 123 -6.64 10.34 -2.87
CA TYR A 123 -6.00 11.22 -3.86
C TYR A 123 -6.97 11.90 -4.82
N VAL A 124 -8.03 11.18 -5.18
CA VAL A 124 -9.02 11.70 -6.13
C VAL A 124 -10.24 12.20 -5.37
N GLY A 125 -10.77 11.35 -4.49
CA GLY A 125 -12.00 11.67 -3.78
C GLY A 125 -11.82 12.76 -2.73
N GLN A 126 -10.57 12.97 -2.30
CA GLN A 126 -10.25 13.90 -1.19
C GLN A 126 -10.95 13.49 0.10
N GLU A 127 -11.11 12.18 0.29
CA GLU A 127 -11.81 11.69 1.44
C GLU A 127 -10.82 11.49 2.57
N ASP A 128 -11.28 11.65 3.80
CA ASP A 128 -10.42 11.49 4.96
C ASP A 128 -10.36 10.01 5.29
N VAL A 129 -9.42 9.33 4.65
CA VAL A 129 -9.26 7.88 4.78
C VAL A 129 -8.63 7.43 6.09
N ALA A 130 -8.30 8.42 6.94
CA ALA A 130 -8.00 8.15 8.36
C ALA A 130 -9.24 7.82 9.21
N GLN A 131 -10.45 8.06 8.66
CA GLN A 131 -11.69 7.82 9.42
C GLN A 131 -12.37 6.48 9.13
N LEU A 132 -12.84 5.83 10.20
CA LEU A 132 -13.60 4.57 10.07
C LEU A 132 -14.79 4.70 9.12
N ALA A 133 -15.52 5.81 9.24
CA ALA A 133 -16.70 6.05 8.42
C ALA A 133 -16.36 5.89 6.95
N ILE A 134 -15.23 6.48 6.55
CA ILE A 134 -14.75 6.36 5.19
C ILE A 134 -14.32 4.94 4.84
N LEU A 135 -13.51 4.32 5.71
CA LEU A 135 -12.97 2.99 5.46
C LEU A 135 -14.05 1.90 5.32
N LYS A 136 -15.05 1.92 6.19
CA LYS A 136 -16.12 0.91 6.16
C LYS A 136 -16.97 0.99 4.89
N LYS A 137 -17.17 2.21 4.40
CA LYS A 137 -17.86 2.42 3.15
C LYS A 137 -17.10 1.75 1.99
N LEU A 138 -15.77 1.89 1.96
CA LEU A 138 -14.95 1.28 0.93
C LEU A 138 -15.00 -0.25 0.98
N ALA A 139 -15.00 -0.80 2.19
CA ALA A 139 -15.11 -2.24 2.39
C ALA A 139 -16.50 -2.78 1.88
N VAL A 140 -17.56 -2.04 2.18
CA VAL A 140 -18.91 -2.35 1.66
C VAL A 140 -18.94 -2.40 0.13
N ASP A 141 -18.24 -1.47 -0.53
CA ASP A 141 -18.20 -1.40 -2.00
C ASP A 141 -17.58 -2.69 -2.57
N LEU A 142 -16.71 -3.32 -1.78
CA LEU A 142 -15.99 -4.54 -2.19
C LEU A 142 -16.67 -5.83 -1.68
N GLY A 143 -17.85 -5.70 -1.11
CA GLY A 143 -18.62 -6.87 -0.71
C GLY A 143 -18.33 -7.34 0.70
N ILE A 144 -17.60 -6.53 1.47
CA ILE A 144 -17.34 -6.83 2.87
C ILE A 144 -18.32 -6.05 3.75
N PRO A 145 -19.28 -6.77 4.41
CA PRO A 145 -20.28 -6.09 5.25
C PRO A 145 -19.63 -5.38 6.43
N GLU A 146 -20.22 -4.26 6.83
CA GLU A 146 -19.75 -3.44 7.94
C GLU A 146 -19.75 -4.22 9.26
N SER A 147 -20.68 -5.19 9.36
CA SER A 147 -20.74 -6.07 10.50
C SER A 147 -19.51 -7.00 10.63
N ARG A 148 -18.78 -7.23 9.50
CA ARG A 148 -17.57 -8.03 9.57
C ARG A 148 -16.35 -7.10 9.70
N PHE A 149 -16.32 -6.02 8.91
CA PHE A 149 -15.20 -5.08 8.90
C PHE A 149 -14.99 -4.31 10.20
N THR A 150 -16.04 -3.70 10.73
CA THR A 150 -15.86 -2.79 11.88
C THR A 150 -15.33 -3.47 13.17
N PRO A 151 -15.90 -4.61 13.59
CA PRO A 151 -15.31 -5.29 14.78
C PRO A 151 -13.80 -5.61 14.58
N VAL A 152 -13.43 -6.08 13.39
CA VAL A 152 -12.03 -6.40 13.10
C VAL A 152 -11.14 -5.14 13.15
N PHE A 153 -11.57 -4.07 12.47
CA PHE A 153 -10.85 -2.78 12.49
C PHE A 153 -10.60 -2.23 13.91
N GLN A 154 -11.59 -2.38 14.78
CA GLN A 154 -11.48 -1.86 16.13
C GLN A 154 -10.74 -2.78 17.11
N SER A 155 -10.44 -4.01 16.68
CA SER A 155 -9.90 -5.04 17.59
C SER A 155 -8.44 -4.76 17.94
N ASP A 156 -8.05 -5.15 19.17
CA ASP A 156 -6.64 -5.12 19.56
C ASP A 156 -5.77 -5.93 18.61
N GLU A 157 -6.32 -7.06 18.13
CA GLU A 157 -5.61 -7.89 17.17
C GLU A 157 -5.21 -7.12 15.90
N ALA A 158 -6.15 -6.38 15.30
CA ALA A 158 -5.83 -5.63 14.08
C ALA A 158 -4.82 -4.53 14.41
N LYS A 159 -4.97 -3.91 15.58
CA LYS A 159 -4.03 -2.87 16.02
C LYS A 159 -2.61 -3.41 16.19
N GLN A 160 -2.51 -4.55 16.84
CA GLN A 160 -1.22 -5.14 17.17
C GLN A 160 -0.55 -5.72 15.92
N ARG A 161 -1.35 -6.37 15.08
CA ARG A 161 -0.81 -6.85 13.78
C ARG A 161 -0.26 -5.74 12.92
N THR A 162 -0.97 -4.60 12.89
CA THR A 162 -0.59 -3.43 12.10
C THR A 162 0.75 -2.88 12.61
N LEU A 163 0.82 -2.68 13.92
CA LEU A 163 2.04 -2.21 14.56
C LEU A 163 3.18 -3.22 14.37
N ALA A 164 2.88 -4.51 14.50
CA ALA A 164 3.95 -5.51 14.27
C ALA A 164 4.53 -5.44 12.85
N GLY A 165 3.65 -5.22 11.86
CA GLY A 165 4.03 -4.94 10.45
C GLY A 165 4.97 -3.76 10.37
N PHE A 166 4.60 -2.63 10.98
CA PHE A 166 5.48 -1.44 10.93
C PHE A 166 6.87 -1.76 11.51
N GLN A 167 6.88 -2.48 12.65
CA GLN A 167 8.11 -2.86 13.30
C GLN A 167 8.95 -3.79 12.44
N ARG A 168 8.32 -4.73 11.74
CA ARG A 168 9.06 -5.65 10.87
C ARG A 168 9.69 -4.91 9.69
N VAL A 169 8.96 -3.93 9.15
CA VAL A 169 9.46 -3.10 8.06
C VAL A 169 10.70 -2.39 8.50
N ALA A 170 10.66 -1.81 9.71
CA ALA A 170 11.81 -1.14 10.30
C ALA A 170 12.97 -2.12 10.50
N GLN A 171 12.66 -3.31 11.00
CA GLN A 171 13.66 -4.35 11.27
C GLN A 171 14.36 -4.78 9.99
N TRP A 172 13.60 -4.85 8.90
CA TRP A 172 14.14 -5.20 7.60
C TRP A 172 14.95 -4.07 6.95
N GLY A 173 15.04 -2.91 7.61
CA GLY A 173 15.82 -1.79 7.09
C GLY A 173 15.26 -1.09 5.86
N ILE A 174 13.94 -1.15 5.64
CA ILE A 174 13.36 -0.57 4.42
C ILE A 174 13.42 0.96 4.45
N SER A 175 14.08 1.56 3.47
CA SER A 175 14.36 3.01 3.51
C SER A 175 13.54 3.82 2.50
N GLY A 176 12.91 3.14 1.55
CA GLY A 176 12.14 3.80 0.53
C GLY A 176 10.88 3.01 0.27
N PHE A 177 9.83 3.70 -0.18
CA PHE A 177 8.52 3.05 -0.42
C PHE A 177 8.02 3.59 -1.74
N PRO A 178 7.29 2.75 -2.51
CA PRO A 178 6.94 1.35 -2.23
C PRO A 178 8.19 0.45 -2.25
N ALA A 179 8.16 -0.68 -1.54
CA ALA A 179 9.30 -1.58 -1.58
C ALA A 179 8.76 -2.97 -1.88
N LEU A 180 9.62 -3.80 -2.45
CA LEU A 180 9.24 -5.18 -2.74
C LEU A 180 10.33 -6.07 -2.18
N VAL A 181 9.90 -7.08 -1.44
CA VAL A 181 10.80 -8.06 -0.83
C VAL A 181 10.27 -9.46 -1.09
N VAL A 182 11.15 -10.33 -1.57
CA VAL A 182 10.83 -11.76 -1.64
C VAL A 182 11.29 -12.47 -0.37
N GLU A 183 10.38 -13.22 0.22
CA GLU A 183 10.68 -14.03 1.38
C GLU A 183 10.48 -15.47 0.96
N SER A 184 11.56 -16.23 1.05
CA SER A 184 11.53 -17.63 0.68
C SER A 184 12.21 -18.42 1.79
N GLY A 185 11.40 -19.17 2.54
CA GLY A 185 11.89 -19.98 3.65
C GLY A 185 12.42 -19.03 4.69
N THR A 186 13.69 -19.22 5.03
CA THR A 186 14.39 -18.39 6.01
C THR A 186 14.92 -17.06 5.43
N ASP A 187 14.91 -16.94 4.10
CA ASP A 187 15.64 -15.89 3.41
C ASP A 187 14.75 -14.76 2.92
N ARG A 188 15.30 -13.55 2.93
CA ARG A 188 14.61 -12.40 2.36
C ARG A 188 15.54 -11.69 1.40
N TYR A 189 14.94 -11.21 0.31
CA TYR A 189 15.66 -10.60 -0.79
C TYR A 189 14.99 -9.29 -1.14
N LEU A 190 15.74 -8.20 -1.10
CA LEU A 190 15.19 -6.91 -1.45
C LEU A 190 15.15 -6.79 -2.96
N ILE A 191 13.97 -6.58 -3.53
CA ILE A 191 13.82 -6.42 -4.99
C ILE A 191 13.96 -4.95 -5.41
N THR A 192 13.17 -4.06 -4.79
CA THR A 192 13.21 -2.62 -5.11
C THR A 192 12.86 -1.84 -3.86
N THR A 193 13.33 -0.59 -3.75
CA THR A 193 12.92 0.25 -2.61
C THR A 193 12.41 1.62 -3.02
N GLY A 194 11.53 1.65 -4.00
CA GLY A 194 11.04 2.90 -4.57
C GLY A 194 10.31 2.55 -5.84
N TYR A 195 9.56 3.49 -6.38
CA TYR A 195 8.88 3.32 -7.67
C TYR A 195 9.92 2.96 -8.75
N ARG A 196 9.62 1.94 -9.55
CA ARG A 196 10.38 1.72 -10.80
C ARG A 196 9.36 1.23 -11.83
N PRO A 197 9.62 1.45 -13.12
CA PRO A 197 8.71 0.96 -14.18
C PRO A 197 8.61 -0.56 -14.24
N ILE A 198 7.53 -1.05 -14.81
CA ILE A 198 7.26 -2.50 -14.93
C ILE A 198 8.41 -3.26 -15.64
N GLU A 199 9.07 -2.61 -16.61
CA GLU A 199 10.17 -3.30 -17.33
C GLU A 199 11.32 -3.65 -16.38
N ALA A 200 11.70 -2.69 -15.53
CA ALA A 200 12.77 -2.93 -14.56
C ALA A 200 12.38 -4.04 -13.56
N LEU A 201 11.14 -4.07 -13.14
N LEU A 201 11.14 -4.01 -13.11
CA LEU A 201 10.76 -5.04 -12.11
CA LEU A 201 10.61 -4.98 -12.14
C LEU A 201 10.57 -6.43 -12.70
C LEU A 201 10.60 -6.38 -12.71
N ARG A 202 10.14 -6.50 -13.96
CA ARG A 202 10.15 -7.78 -14.69
C ARG A 202 11.56 -8.39 -14.70
N GLN A 203 12.55 -7.57 -15.06
N GLN A 203 12.54 -7.57 -15.05
CA GLN A 203 13.95 -8.02 -15.03
CA GLN A 203 13.92 -8.04 -15.05
C GLN A 203 14.33 -8.59 -13.66
C GLN A 203 14.35 -8.58 -13.66
N LEU A 204 14.06 -7.81 -12.61
CA LEU A 204 14.48 -8.16 -11.25
C LEU A 204 13.80 -9.44 -10.79
N LEU A 205 12.49 -9.51 -10.97
CA LEU A 205 11.73 -10.73 -10.61
C LEU A 205 12.15 -11.94 -11.43
N ASP A 206 12.32 -11.73 -12.74
CA ASP A 206 12.73 -12.82 -13.62
C ASP A 206 14.06 -13.44 -13.15
N THR A 207 15.02 -12.58 -12.82
CA THR A 207 16.35 -13.01 -12.36
C THR A 207 16.26 -13.72 -11.02
N TRP A 208 15.48 -13.16 -10.11
CA TRP A 208 15.25 -13.82 -8.81
C TRP A 208 14.73 -15.24 -9.01
N LEU A 209 13.65 -15.39 -9.78
CA LEU A 209 13.08 -16.73 -10.06
C LEU A 209 14.04 -17.69 -10.79
N GLN A 210 14.85 -17.16 -11.71
CA GLN A 210 15.87 -17.95 -12.42
C GLN A 210 16.95 -18.45 -11.45
N GLN A 211 17.40 -17.57 -10.56
CA GLN A 211 18.46 -17.89 -9.60
C GLN A 211 17.96 -18.70 -8.41
N HIS A 212 16.67 -18.59 -8.14
CA HIS A 212 16.06 -19.23 -6.98
C HIS A 212 14.92 -20.13 -7.42
N GLY A 213 15.30 -21.36 -7.75
CA GLY A 213 14.39 -22.34 -8.32
C GLY A 213 15.04 -22.98 -9.53
#